data_7DB4
#
_entry.id   7DB4
#
_cell.length_a   58.675
_cell.length_b   75.133
_cell.length_c   108.708
_cell.angle_alpha   90.000
_cell.angle_beta   90.000
_cell.angle_gamma   90.000
#
_symmetry.space_group_name_H-M   'P 21 21 21'
#
loop_
_entity.id
_entity.type
_entity.pdbx_description
1 polymer 'Glutathione S-transferase E14'
2 non-polymer 1-[(4-fluorophenyl)methyl]-2,2-bis(oxidanylidene)thieno[3,2-c][1,2]thiazin-4-one
3 non-polymer GLUTATHIONE
4 water water
#
_entity_poly.entity_id   1
_entity_poly.type   'polypeptide(L)'
_entity_poly.pdbx_seq_one_letter_code
;MNHKVHMMSQPKPILYYDERSPPVRSCLMLIKLLDIDVELRFVNLFKGEQFQKDFLALNPQHSVPTLVHGDLVLTDSHAI
LIHLAEKFDEGGSLWPQEHAERMKVLNLLLFECSFLFRRDSDFMSAIVRQGFANVDVAHHERKLTEAYIIMERYLENSDF
MAGPQLTLADLSIVTTLSTVNLMFPLSQFPRLRRWFTAMQQLDAYEANCSGLEKLRQTMESVGSFQFPSSSAVVTEKVE
;
_entity_poly.pdbx_strand_id   A,B
#
# COMPACT_ATOMS: atom_id res chain seq x y z
N PRO A 11 -1.38 -22.36 -18.62
CA PRO A 11 -0.87 -22.94 -17.38
C PRO A 11 -1.57 -22.38 -16.15
N LYS A 12 -1.80 -23.23 -15.15
CA LYS A 12 -2.51 -22.79 -13.97
C LYS A 12 -1.61 -21.94 -13.07
N PRO A 13 -2.19 -21.05 -12.27
CA PRO A 13 -1.37 -20.13 -11.47
C PRO A 13 -0.54 -20.86 -10.42
N ILE A 14 0.60 -20.27 -10.10
CA ILE A 14 1.51 -20.74 -9.06
C ILE A 14 1.60 -19.67 -7.98
N LEU A 15 1.33 -20.04 -6.74
CA LEU A 15 1.36 -19.11 -5.61
C LEU A 15 2.51 -19.48 -4.69
N TYR A 16 3.51 -18.60 -4.61
CA TYR A 16 4.56 -18.70 -3.60
C TYR A 16 4.06 -18.08 -2.30
N TYR A 17 4.13 -18.84 -1.21
CA TYR A 17 3.32 -18.50 -0.06
C TYR A 17 3.99 -18.92 1.25
N ASP A 18 3.64 -18.19 2.31
CA ASP A 18 3.80 -18.60 3.69
C ASP A 18 2.49 -18.22 4.37
N GLU A 19 1.71 -19.23 4.80
CA GLU A 19 0.36 -18.96 5.27
C GLU A 19 0.32 -18.15 6.56
N ARG A 20 1.45 -17.96 7.23
CA ARG A 20 1.46 -17.08 8.39
C ARG A 20 1.17 -15.63 8.00
N SER A 21 1.42 -15.27 6.74
N SER A 21 1.45 -15.26 6.75
CA SER A 21 1.30 -13.88 6.30
CA SER A 21 1.29 -13.88 6.31
C SER A 21 -0.15 -13.53 5.96
C SER A 21 -0.17 -13.56 6.03
N PRO A 22 -0.70 -12.47 6.55
CA PRO A 22 -2.09 -12.09 6.24
C PRO A 22 -2.33 -11.86 4.76
N PRO A 23 -1.48 -11.11 4.03
CA PRO A 23 -1.74 -10.95 2.59
C PRO A 23 -1.70 -12.27 1.83
N VAL A 24 -0.93 -13.26 2.29
CA VAL A 24 -1.01 -14.59 1.70
C VAL A 24 -2.38 -15.20 1.96
N ARG A 25 -2.86 -15.10 3.20
CA ARG A 25 -4.13 -15.71 3.55
C ARG A 25 -5.31 -15.07 2.81
N SER A 26 -5.20 -13.79 2.46
CA SER A 26 -6.25 -13.17 1.65
C SER A 26 -6.34 -13.84 0.29
N CYS A 27 -5.18 -14.15 -0.31
CA CYS A 27 -5.17 -14.86 -1.59
C CYS A 27 -5.69 -16.27 -1.44
N LEU A 28 -5.34 -16.95 -0.34
CA LEU A 28 -5.84 -18.29 -0.08
C LEU A 28 -7.37 -18.28 0.05
N MET A 29 -7.92 -17.26 0.70
CA MET A 29 -9.38 -17.16 0.81
C MET A 29 -10.03 -17.01 -0.55
N LEU A 30 -9.48 -16.15 -1.41
CA LEU A 30 -10.07 -15.96 -2.74
C LEU A 30 -9.96 -17.24 -3.56
N ILE A 31 -8.84 -17.95 -3.45
CA ILE A 31 -8.64 -19.20 -4.19
C ILE A 31 -9.69 -20.23 -3.75
N LYS A 32 -9.96 -20.31 -2.45
CA LYS A 32 -11.00 -21.23 -1.98
C LYS A 32 -12.39 -20.76 -2.41
N LEU A 33 -12.66 -19.47 -2.29
CA LEU A 33 -13.98 -18.94 -2.62
C LEU A 33 -14.35 -19.21 -4.06
N LEU A 34 -13.40 -19.09 -4.99
CA LEU A 34 -13.67 -19.24 -6.41
C LEU A 34 -13.29 -20.62 -6.94
N ASP A 35 -12.81 -21.52 -6.08
CA ASP A 35 -12.42 -22.88 -6.45
C ASP A 35 -11.39 -22.86 -7.59
N ILE A 36 -10.37 -22.02 -7.43
CA ILE A 36 -9.30 -21.91 -8.41
C ILE A 36 -8.27 -23.00 -8.15
N ASP A 37 -7.82 -23.66 -9.22
CA ASP A 37 -6.76 -24.65 -9.13
C ASP A 37 -5.42 -23.93 -9.22
N VAL A 38 -4.65 -23.96 -8.14
CA VAL A 38 -3.39 -23.24 -8.04
C VAL A 38 -2.35 -24.18 -7.43
N GLU A 39 -1.15 -24.17 -8.01
CA GLU A 39 -0.03 -24.88 -7.41
C GLU A 39 0.58 -24.03 -6.30
N LEU A 40 0.70 -24.61 -5.11
CA LEU A 40 1.25 -23.92 -3.95
C LEU A 40 2.72 -24.28 -3.78
N ARG A 41 3.57 -23.26 -3.66
CA ARG A 41 4.99 -23.45 -3.43
C ARG A 41 5.38 -22.70 -2.15
N PHE A 42 5.73 -23.46 -1.12
CA PHE A 42 6.00 -22.90 0.20
C PHE A 42 7.35 -22.18 0.22
N VAL A 43 7.34 -20.96 0.76
CA VAL A 43 8.54 -20.18 1.00
C VAL A 43 8.56 -19.86 2.49
N ASN A 44 9.46 -20.52 3.23
CA ASN A 44 9.48 -20.40 4.68
C ASN A 44 10.18 -19.11 5.08
N LEU A 45 9.38 -18.09 5.44
CA LEU A 45 9.95 -16.81 5.86
C LEU A 45 10.77 -16.94 7.14
N PHE A 46 10.40 -17.86 8.03
CA PHE A 46 11.15 -18.03 9.27
C PHE A 46 12.58 -18.49 9.00
N LYS A 47 12.78 -19.26 7.94
CA LYS A 47 14.09 -19.75 7.56
C LYS A 47 14.78 -18.86 6.54
N GLY A 48 14.17 -17.74 6.17
CA GLY A 48 14.77 -16.84 5.20
C GLY A 48 14.80 -17.36 3.78
N GLU A 49 13.87 -18.26 3.44
CA GLU A 49 13.86 -18.84 2.09
C GLU A 49 13.48 -17.83 1.02
N GLN A 50 12.91 -16.69 1.40
CA GLN A 50 12.61 -15.64 0.42
C GLN A 50 13.85 -15.01 -0.16
N PHE A 51 15.02 -15.25 0.44
CA PHE A 51 16.29 -14.73 -0.07
C PHE A 51 17.02 -15.77 -0.91
N GLN A 52 16.42 -16.93 -1.15
CA GLN A 52 16.99 -17.91 -2.05
C GLN A 52 17.14 -17.29 -3.44
N LYS A 53 18.25 -17.64 -4.11
CA LYS A 53 18.69 -16.90 -5.29
C LYS A 53 17.62 -16.87 -6.38
N ASP A 54 16.93 -18.00 -6.59
CA ASP A 54 15.96 -18.06 -7.67
C ASP A 54 14.70 -17.27 -7.32
N PHE A 55 14.25 -17.33 -6.07
CA PHE A 55 13.09 -16.54 -5.69
C PHE A 55 13.40 -15.05 -5.71
N LEU A 56 14.60 -14.66 -5.28
N LEU A 56 14.62 -14.67 -5.34
CA LEU A 56 14.98 -13.25 -5.32
CA LEU A 56 14.94 -13.25 -5.31
C LEU A 56 14.97 -12.71 -6.74
C LEU A 56 14.98 -12.70 -6.73
N ALA A 57 15.42 -13.51 -7.70
CA ALA A 57 15.38 -13.07 -9.10
C ALA A 57 13.96 -12.99 -9.62
N LEU A 58 13.07 -13.85 -9.11
CA LEU A 58 11.66 -13.77 -9.48
C LEU A 58 10.99 -12.55 -8.88
N ASN A 59 11.26 -12.29 -7.60
CA ASN A 59 10.67 -11.16 -6.87
C ASN A 59 11.77 -10.43 -6.10
N PRO A 60 12.31 -9.34 -6.63
CA PRO A 60 13.35 -8.60 -5.91
C PRO A 60 12.90 -8.06 -4.56
N GLN A 61 11.60 -7.92 -4.34
CA GLN A 61 11.09 -7.51 -3.04
C GLN A 61 11.13 -8.64 -2.00
N HIS A 62 11.51 -9.84 -2.41
CA HIS A 62 11.59 -11.04 -1.56
C HIS A 62 10.41 -11.12 -0.60
N SER A 63 9.21 -11.09 -1.17
CA SER A 63 7.98 -11.05 -0.39
C SER A 63 6.98 -12.10 -0.87
N VAL A 64 6.16 -12.56 0.06
CA VAL A 64 5.01 -13.41 -0.27
C VAL A 64 3.74 -12.65 0.11
N PRO A 65 2.65 -12.80 -0.65
CA PRO A 65 2.50 -13.72 -1.79
C PRO A 65 3.12 -13.23 -3.09
N THR A 66 3.60 -14.18 -3.88
CA THR A 66 4.02 -13.93 -5.25
C THR A 66 3.28 -14.90 -6.14
N LEU A 67 2.70 -14.41 -7.24
CA LEU A 67 1.94 -15.22 -8.17
C LEU A 67 2.64 -15.25 -9.51
N VAL A 68 2.82 -16.45 -10.06
CA VAL A 68 3.27 -16.64 -11.43
C VAL A 68 2.13 -17.30 -12.19
N HIS A 69 1.59 -16.60 -13.18
CA HIS A 69 0.50 -17.11 -14.00
C HIS A 69 0.89 -16.90 -15.45
N GLY A 70 1.41 -17.95 -16.08
CA GLY A 70 1.97 -17.79 -17.41
C GLY A 70 3.22 -16.92 -17.34
N ASP A 71 3.25 -15.88 -18.15
CA ASP A 71 4.35 -14.93 -18.15
C ASP A 71 4.17 -13.83 -17.11
N LEU A 72 2.99 -13.72 -16.51
CA LEU A 72 2.70 -12.66 -15.55
C LEU A 72 3.23 -13.01 -14.17
N VAL A 73 3.99 -12.08 -13.58
CA VAL A 73 4.53 -12.25 -12.24
C VAL A 73 4.03 -11.09 -11.38
N LEU A 74 3.21 -11.40 -10.39
CA LEU A 74 2.66 -10.41 -9.48
C LEU A 74 3.29 -10.57 -8.10
N THR A 75 3.66 -9.44 -7.50
CA THR A 75 4.41 -9.45 -6.25
C THR A 75 3.70 -8.67 -5.15
N ASP A 76 2.37 -8.60 -5.22
CA ASP A 76 1.59 -7.91 -4.21
C ASP A 76 0.21 -8.54 -4.13
N SER A 77 -0.24 -8.84 -2.91
CA SER A 77 -1.51 -9.54 -2.72
C SER A 77 -2.67 -8.80 -3.37
N HIS A 78 -2.63 -7.46 -3.36
CA HIS A 78 -3.78 -6.71 -3.85
C HIS A 78 -3.89 -6.80 -5.37
N ALA A 79 -2.75 -6.85 -6.06
CA ALA A 79 -2.76 -7.10 -7.50
C ALA A 79 -3.16 -8.54 -7.79
N ILE A 80 -2.72 -9.49 -6.94
CA ILE A 80 -3.08 -10.89 -7.12
C ILE A 80 -4.59 -11.07 -6.97
N LEU A 81 -5.17 -10.42 -5.96
CA LEU A 81 -6.62 -10.52 -5.76
C LEU A 81 -7.38 -9.98 -6.97
N ILE A 82 -6.96 -8.84 -7.49
CA ILE A 82 -7.62 -8.23 -8.63
C ILE A 82 -7.45 -9.10 -9.88
N HIS A 83 -6.22 -9.59 -10.12
CA HIS A 83 -5.98 -10.43 -11.28
C HIS A 83 -6.82 -11.70 -11.24
N LEU A 84 -6.83 -12.39 -10.10
CA LEU A 84 -7.58 -13.63 -9.99
C LEU A 84 -9.08 -13.38 -10.10
N ALA A 85 -9.56 -12.24 -9.60
CA ALA A 85 -10.98 -11.93 -9.75
C ALA A 85 -11.35 -11.67 -11.20
N GLU A 86 -10.46 -11.00 -11.94
CA GLU A 86 -10.78 -10.69 -13.33
C GLU A 86 -10.73 -11.93 -14.20
N LYS A 87 -9.92 -12.92 -13.82
CA LYS A 87 -9.77 -14.12 -14.63
C LYS A 87 -10.69 -15.25 -14.21
N PHE A 88 -11.16 -15.26 -12.96
CA PHE A 88 -11.96 -16.36 -12.45
C PHE A 88 -13.28 -15.94 -11.83
N ASP A 89 -13.49 -14.65 -11.57
CA ASP A 89 -14.79 -14.13 -11.18
C ASP A 89 -15.23 -13.08 -12.18
N GLU A 90 -14.95 -13.34 -13.47
CA GLU A 90 -15.28 -12.39 -14.53
C GLU A 90 -16.75 -12.01 -14.48
N GLY A 91 -17.01 -10.70 -14.58
CA GLY A 91 -18.35 -10.18 -14.46
C GLY A 91 -18.97 -10.24 -13.08
N GLY A 92 -18.24 -10.75 -12.08
CA GLY A 92 -18.78 -10.96 -10.76
C GLY A 92 -18.79 -9.71 -9.90
N SER A 93 -19.19 -9.90 -8.65
CA SER A 93 -19.38 -8.79 -7.72
C SER A 93 -18.25 -8.61 -6.71
N LEU A 94 -17.29 -9.54 -6.66
CA LEU A 94 -16.16 -9.37 -5.75
C LEU A 94 -15.29 -8.18 -6.16
N TRP A 95 -15.18 -7.95 -7.47
CA TRP A 95 -14.43 -6.85 -8.07
C TRP A 95 -15.43 -6.20 -9.01
N PRO A 96 -16.29 -5.32 -8.48
CA PRO A 96 -17.55 -5.01 -9.16
C PRO A 96 -17.38 -4.32 -10.51
N GLN A 97 -18.43 -4.45 -11.33
CA GLN A 97 -18.39 -3.99 -12.71
C GLN A 97 -18.55 -2.48 -12.82
N GLU A 98 -19.42 -1.89 -12.01
CA GLU A 98 -19.65 -0.45 -12.10
C GLU A 98 -18.44 0.30 -11.55
N HIS A 99 -18.07 1.39 -12.24
CA HIS A 99 -16.81 2.06 -11.97
C HIS A 99 -16.70 2.54 -10.53
N ALA A 100 -17.72 3.26 -10.05
CA ALA A 100 -17.65 3.82 -8.70
C ALA A 100 -17.54 2.71 -7.66
N GLU A 101 -18.30 1.63 -7.84
CA GLU A 101 -18.22 0.50 -6.91
C GLU A 101 -16.83 -0.12 -6.92
N ARG A 102 -16.23 -0.24 -8.11
CA ARG A 102 -14.89 -0.81 -8.22
C ARG A 102 -13.85 0.10 -7.57
N MET A 103 -13.97 1.41 -7.79
CA MET A 103 -13.02 2.33 -7.17
C MET A 103 -13.10 2.28 -5.65
N LYS A 104 -14.30 2.08 -5.10
CA LYS A 104 -14.45 1.95 -3.65
C LYS A 104 -13.69 0.74 -3.13
N VAL A 105 -13.77 -0.39 -3.84
CA VAL A 105 -13.04 -1.58 -3.44
C VAL A 105 -11.53 -1.33 -3.54
N LEU A 106 -11.09 -0.76 -4.66
CA LEU A 106 -9.68 -0.42 -4.82
C LEU A 106 -9.20 0.49 -3.70
N ASN A 107 -10.02 1.48 -3.33
CA ASN A 107 -9.65 2.42 -2.28
C ASN A 107 -9.40 1.71 -0.96
N LEU A 108 -10.23 0.73 -0.60
CA LEU A 108 -10.02 -0.03 0.63
C LEU A 108 -8.89 -1.03 0.54
N LEU A 109 -8.65 -1.62 -0.63
CA LEU A 109 -7.46 -2.43 -0.81
C LEU A 109 -6.20 -1.63 -0.49
N LEU A 110 -6.18 -0.37 -0.95
CA LEU A 110 -5.03 0.48 -0.69
C LEU A 110 -4.96 0.92 0.77
N PHE A 111 -6.10 1.14 1.42
CA PHE A 111 -6.11 1.35 2.86
C PHE A 111 -5.43 0.19 3.59
N GLU A 112 -5.66 -1.04 3.12
CA GLU A 112 -5.03 -2.20 3.75
C GLU A 112 -3.52 -2.15 3.59
N CYS A 113 -3.04 -1.77 2.39
CA CYS A 113 -1.59 -1.67 2.17
C CYS A 113 -1.01 -0.50 2.96
N SER A 114 -1.66 0.66 2.89
CA SER A 114 -1.08 1.92 3.34
C SER A 114 -1.17 2.10 4.85
N PHE A 115 -2.24 1.60 5.47
CA PHE A 115 -2.56 1.92 6.85
C PHE A 115 -2.62 0.68 7.73
N LEU A 116 -3.52 -0.25 7.45
CA LEU A 116 -3.76 -1.37 8.36
C LEU A 116 -2.58 -2.33 8.40
N PHE A 117 -2.19 -2.87 7.25
CA PHE A 117 -1.09 -3.83 7.25
C PHE A 117 0.22 -3.16 7.63
N ARG A 118 0.44 -1.94 7.17
CA ARG A 118 1.67 -1.23 7.53
C ARG A 118 1.83 -1.18 9.04
N ARG A 119 0.75 -0.82 9.75
CA ARG A 119 0.83 -0.68 11.20
C ARG A 119 0.91 -2.04 11.89
N ASP A 120 0.23 -3.05 11.36
CA ASP A 120 0.36 -4.37 11.97
C ASP A 120 1.76 -4.93 11.78
N SER A 121 2.32 -4.77 10.57
N SER A 121 2.34 -4.76 10.58
CA SER A 121 3.69 -5.20 10.31
CA SER A 121 3.69 -5.23 10.35
C SER A 121 4.68 -4.44 11.18
C SER A 121 4.71 -4.44 11.16
N ASP A 122 4.47 -3.14 11.37
CA ASP A 122 5.33 -2.35 12.25
C ASP A 122 5.36 -2.96 13.65
N PHE A 123 4.19 -3.30 14.17
CA PHE A 123 4.07 -3.88 15.51
C PHE A 123 4.77 -5.24 15.59
N MET A 124 4.48 -6.13 14.65
CA MET A 124 5.07 -7.46 14.70
C MET A 124 6.56 -7.44 14.41
N SER A 125 7.04 -6.48 13.60
CA SER A 125 8.47 -6.35 13.38
C SER A 125 9.20 -5.93 14.65
N ALA A 126 8.59 -5.04 15.44
CA ALA A 126 9.20 -4.63 16.69
C ALA A 126 9.30 -5.80 17.66
N ILE A 127 8.29 -6.67 17.69
CA ILE A 127 8.33 -7.85 18.54
C ILE A 127 9.48 -8.75 18.13
N VAL A 128 9.63 -9.00 16.83
CA VAL A 128 10.68 -9.89 16.34
C VAL A 128 12.05 -9.33 16.65
N ARG A 129 12.23 -8.01 16.51
CA ARG A 129 13.55 -7.41 16.64
C ARG A 129 13.93 -7.16 18.09
N GLN A 130 12.97 -6.76 18.93
CA GLN A 130 13.26 -6.38 20.30
C GLN A 130 12.88 -7.43 21.33
N GLY A 131 11.93 -8.32 21.01
CA GLY A 131 11.29 -9.10 22.04
C GLY A 131 10.10 -8.34 22.59
N PHE A 132 9.02 -9.03 22.91
CA PHE A 132 7.77 -8.36 23.27
C PHE A 132 7.95 -7.47 24.50
N ALA A 133 8.71 -7.94 25.50
CA ALA A 133 8.87 -7.17 26.73
C ALA A 133 9.54 -5.82 26.49
N ASN A 134 10.29 -5.68 25.40
CA ASN A 134 11.00 -4.45 25.09
C ASN A 134 10.25 -3.56 24.11
N VAL A 135 9.07 -3.99 23.66
CA VAL A 135 8.29 -3.22 22.68
C VAL A 135 7.47 -2.17 23.41
N ASP A 136 7.38 -0.98 22.81
CA ASP A 136 6.43 0.05 23.26
C ASP A 136 5.04 -0.38 22.80
N VAL A 137 4.43 -1.26 23.60
CA VAL A 137 3.13 -1.82 23.22
C VAL A 137 2.06 -0.73 23.20
N ALA A 138 2.11 0.20 24.15
CA ALA A 138 1.12 1.27 24.19
C ALA A 138 1.15 2.09 22.91
N HIS A 139 2.34 2.33 22.36
CA HIS A 139 2.44 3.05 21.09
C HIS A 139 1.72 2.31 19.98
N HIS A 140 1.96 1.00 19.86
CA HIS A 140 1.35 0.23 18.79
C HIS A 140 -0.14 0.00 19.05
N GLU A 141 -0.53 -0.10 20.32
CA GLU A 141 -1.95 -0.16 20.64
C GLU A 141 -2.68 1.07 20.13
N ARG A 142 -2.07 2.25 20.31
CA ARG A 142 -2.67 3.48 19.80
C ARG A 142 -2.76 3.46 18.27
N LYS A 143 -1.66 3.09 17.61
CA LYS A 143 -1.63 3.07 16.15
C LYS A 143 -2.67 2.09 15.59
N LEU A 144 -2.80 0.92 16.21
CA LEU A 144 -3.71 -0.08 15.66
C LEU A 144 -5.16 0.16 16.09
N THR A 145 -5.38 0.70 17.29
CA THR A 145 -6.72 1.13 17.65
C THR A 145 -7.23 2.21 16.70
N GLU A 146 -6.32 3.08 16.23
CA GLU A 146 -6.70 4.08 15.23
C GLU A 146 -7.21 3.41 13.96
N ALA A 147 -6.61 2.28 13.58
CA ALA A 147 -7.11 1.54 12.44
C ALA A 147 -8.47 0.92 12.73
N TYR A 148 -8.67 0.41 13.96
CA TYR A 148 -9.98 -0.08 14.38
C TYR A 148 -11.03 1.01 14.21
N ILE A 149 -10.70 2.22 14.67
CA ILE A 149 -11.65 3.34 14.60
C ILE A 149 -12.04 3.63 13.16
N ILE A 150 -11.06 3.61 12.26
CA ILE A 150 -11.33 3.91 10.86
C ILE A 150 -12.23 2.85 10.24
N MET A 151 -11.95 1.57 10.52
CA MET A 151 -12.77 0.51 9.95
C MET A 151 -14.18 0.54 10.54
N GLU A 152 -14.30 0.88 11.82
CA GLU A 152 -15.63 1.05 12.42
C GLU A 152 -16.41 2.14 11.69
N ARG A 153 -15.74 3.23 11.32
CA ARG A 153 -16.40 4.30 10.58
C ARG A 153 -16.86 3.83 9.21
N TYR A 154 -16.01 3.06 8.51
CA TYR A 154 -16.42 2.53 7.21
C TYR A 154 -17.64 1.63 7.35
N LEU A 155 -17.69 0.81 8.40
CA LEU A 155 -18.79 -0.11 8.62
C LEU A 155 -20.02 0.56 9.19
N GLU A 156 -19.90 1.79 9.69
CA GLU A 156 -21.08 2.53 10.11
C GLU A 156 -21.89 3.04 8.93
N ASN A 157 -21.25 3.16 7.76
CA ASN A 157 -21.90 3.67 6.56
C ASN A 157 -22.19 2.60 5.53
N SER A 158 -21.67 1.39 5.69
CA SER A 158 -21.98 0.30 4.77
C SER A 158 -21.85 -1.03 5.50
N ASP A 159 -22.51 -2.05 4.94
CA ASP A 159 -22.65 -3.32 5.64
C ASP A 159 -21.35 -4.12 5.60
N PHE A 160 -20.71 -4.21 4.43
CA PHE A 160 -19.36 -4.71 4.29
C PHE A 160 -18.40 -3.53 4.10
N MET A 161 -17.10 -3.82 3.98
CA MET A 161 -16.10 -2.74 3.97
C MET A 161 -16.31 -1.78 2.81
N ALA A 162 -16.58 -2.29 1.61
CA ALA A 162 -16.63 -1.46 0.42
C ALA A 162 -18.04 -1.32 -0.16
N GLY A 163 -19.07 -1.72 0.59
CA GLY A 163 -20.43 -1.63 0.10
C GLY A 163 -21.34 -2.67 0.71
N PRO A 164 -22.49 -2.91 0.05
CA PRO A 164 -23.50 -3.78 0.64
C PRO A 164 -23.20 -5.27 0.58
N GLN A 165 -22.15 -5.69 -0.13
CA GLN A 165 -21.87 -7.11 -0.29
C GLN A 165 -20.37 -7.36 -0.24
N LEU A 166 -20.04 -8.64 -0.08
CA LEU A 166 -18.64 -9.07 0.01
C LEU A 166 -17.85 -8.67 -1.23
N THR A 167 -16.66 -8.11 -1.02
CA THR A 167 -15.76 -7.77 -2.11
C THR A 167 -14.33 -8.19 -1.76
N LEU A 168 -13.42 -7.98 -2.71
CA LEU A 168 -12.01 -8.23 -2.46
C LEU A 168 -11.51 -7.45 -1.25
N ALA A 169 -12.08 -6.28 -0.98
CA ALA A 169 -11.65 -5.47 0.15
C ALA A 169 -11.82 -6.23 1.47
N ASP A 170 -12.94 -6.95 1.61
CA ASP A 170 -13.16 -7.72 2.84
C ASP A 170 -12.14 -8.83 2.99
N LEU A 171 -11.77 -9.48 1.88
CA LEU A 171 -10.80 -10.57 1.93
C LEU A 171 -9.43 -10.06 2.34
N SER A 172 -9.02 -8.93 1.77
CA SER A 172 -7.73 -8.33 2.10
C SER A 172 -7.69 -7.89 3.57
N ILE A 173 -8.76 -7.27 4.04
CA ILE A 173 -8.76 -6.65 5.36
C ILE A 173 -8.94 -7.67 6.48
N VAL A 174 -9.75 -8.70 6.26
CA VAL A 174 -10.12 -9.59 7.37
C VAL A 174 -8.92 -10.41 7.83
N THR A 175 -8.01 -10.77 6.92
CA THR A 175 -6.85 -11.54 7.36
C THR A 175 -5.97 -10.70 8.26
N THR A 176 -5.74 -9.45 7.90
CA THR A 176 -4.95 -8.60 8.78
C THR A 176 -5.70 -8.23 10.06
N LEU A 177 -7.02 -8.01 9.99
CA LEU A 177 -7.81 -7.79 11.19
C LEU A 177 -7.49 -8.91 12.22
N SER A 178 -7.70 -10.12 11.78
CA SER A 178 -7.67 -11.27 12.67
C SER A 178 -6.30 -11.40 13.28
N THR A 179 -5.29 -10.93 12.56
CA THR A 179 -3.93 -10.93 13.06
C THR A 179 -3.72 -9.83 14.11
N VAL A 180 -4.21 -8.62 13.84
CA VAL A 180 -4.18 -7.56 14.84
C VAL A 180 -4.95 -7.97 16.09
N ASN A 181 -6.10 -8.61 15.89
CA ASN A 181 -7.00 -8.98 16.98
C ASN A 181 -6.48 -10.15 17.81
N LEU A 182 -5.38 -10.80 17.39
CA LEU A 182 -4.70 -11.70 18.29
C LEU A 182 -4.22 -10.97 19.54
N MET A 183 -3.86 -9.70 19.39
CA MET A 183 -3.32 -8.89 20.48
C MET A 183 -4.33 -7.91 21.07
N PHE A 184 -5.09 -7.21 20.23
CA PHE A 184 -5.89 -6.09 20.70
C PHE A 184 -7.38 -6.38 20.55
N PRO A 185 -8.12 -6.32 21.65
CA PRO A 185 -9.53 -6.73 21.62
C PRO A 185 -10.40 -5.76 20.86
N LEU A 186 -11.55 -6.28 20.41
CA LEU A 186 -12.52 -5.51 19.63
C LEU A 186 -13.75 -5.15 20.46
N SER A 187 -13.62 -5.14 21.78
CA SER A 187 -14.76 -4.95 22.67
C SER A 187 -15.50 -3.65 22.38
N GLN A 188 -14.77 -2.59 22.04
CA GLN A 188 -15.35 -1.27 21.87
C GLN A 188 -15.81 -0.98 20.45
N PHE A 189 -15.84 -1.99 19.58
CA PHE A 189 -16.09 -1.80 18.15
C PHE A 189 -17.19 -2.75 17.69
N PRO A 190 -18.45 -2.39 17.93
CA PRO A 190 -19.55 -3.33 17.63
C PRO A 190 -19.73 -3.61 16.15
N ARG A 191 -19.60 -2.61 15.28
CA ARG A 191 -19.74 -2.88 13.85
C ARG A 191 -18.64 -3.79 13.37
N LEU A 192 -17.42 -3.57 13.84
CA LEU A 192 -16.31 -4.38 13.36
C LEU A 192 -16.41 -5.80 13.92
N ARG A 193 -16.95 -5.95 15.13
CA ARG A 193 -17.22 -7.29 15.66
C ARG A 193 -18.30 -8.00 14.86
N ARG A 194 -19.38 -7.30 14.52
CA ARG A 194 -20.45 -7.90 13.72
C ARG A 194 -19.92 -8.34 12.36
N TRP A 195 -19.15 -7.47 11.71
CA TRP A 195 -18.57 -7.79 10.40
C TRP A 195 -17.60 -8.96 10.50
N PHE A 196 -16.71 -8.94 11.50
CA PHE A 196 -15.75 -10.02 11.66
C PHE A 196 -16.47 -11.36 11.87
N THR A 197 -17.51 -11.36 12.71
CA THR A 197 -18.29 -12.57 12.92
C THR A 197 -18.91 -13.06 11.62
N ALA A 198 -19.45 -12.14 10.81
CA ALA A 198 -20.03 -12.54 9.53
C ALA A 198 -18.97 -13.15 8.62
N MET A 199 -17.77 -12.55 8.60
CA MET A 199 -16.69 -13.10 7.77
C MET A 199 -16.30 -14.49 8.24
N GLN A 200 -16.32 -14.72 9.55
CA GLN A 200 -15.95 -16.03 10.08
C GLN A 200 -16.95 -17.11 9.70
N GLN A 201 -18.19 -16.74 9.38
CA GLN A 201 -19.18 -17.72 8.98
C GLN A 201 -18.99 -18.18 7.53
N LEU A 202 -18.24 -17.41 6.75
CA LEU A 202 -18.01 -17.77 5.35
C LEU A 202 -17.16 -19.03 5.26
N ASP A 203 -17.53 -19.92 4.35
CA ASP A 203 -16.73 -21.11 4.11
C ASP A 203 -15.30 -20.74 3.71
N ALA A 204 -15.12 -19.64 2.99
CA ALA A 204 -13.78 -19.24 2.57
C ALA A 204 -12.89 -18.84 3.74
N TYR A 205 -13.47 -18.46 4.87
CA TYR A 205 -12.66 -18.07 6.01
C TYR A 205 -11.85 -19.24 6.56
N GLU A 206 -12.27 -20.48 6.25
CA GLU A 206 -11.48 -21.64 6.67
C GLU A 206 -10.04 -21.54 6.21
N ALA A 207 -9.79 -20.88 5.08
CA ALA A 207 -8.44 -20.70 4.56
C ALA A 207 -7.62 -19.72 5.39
N ASN A 208 -8.23 -18.97 6.30
CA ASN A 208 -7.49 -18.07 7.17
C ASN A 208 -7.06 -18.73 8.48
N CYS A 209 -7.74 -19.81 8.89
CA CYS A 209 -7.60 -20.32 10.26
C CYS A 209 -6.21 -20.88 10.52
N SER A 210 -5.71 -21.73 9.61
CA SER A 210 -4.48 -22.45 9.89
C SER A 210 -3.28 -21.51 9.96
N GLY A 211 -3.17 -20.58 9.00
CA GLY A 211 -2.07 -19.65 9.01
C GLY A 211 -2.12 -18.67 10.16
N LEU A 212 -3.32 -18.28 10.59
CA LEU A 212 -3.45 -17.42 11.76
C LEU A 212 -2.90 -18.12 13.00
N GLU A 213 -3.19 -19.41 13.15
CA GLU A 213 -2.70 -20.15 14.30
C GLU A 213 -1.19 -20.37 14.21
N LYS A 214 -0.69 -20.70 13.02
CA LYS A 214 0.75 -20.82 12.82
C LYS A 214 1.46 -19.50 13.14
N LEU A 215 0.87 -18.39 12.72
CA LEU A 215 1.44 -17.09 13.05
C LEU A 215 1.47 -16.86 14.55
N ARG A 216 0.38 -17.20 15.24
CA ARG A 216 0.34 -17.06 16.70
C ARG A 216 1.48 -17.86 17.35
N GLN A 217 1.64 -19.12 16.95
CA GLN A 217 2.69 -19.97 17.51
C GLN A 217 4.07 -19.39 17.26
N THR A 218 4.35 -19.01 16.00
CA THR A 218 5.67 -18.50 15.67
C THR A 218 5.96 -17.18 16.38
N MET A 219 4.98 -16.28 16.43
CA MET A 219 5.20 -14.97 17.03
C MET A 219 5.45 -15.10 18.52
N GLU A 220 4.70 -15.98 19.19
CA GLU A 220 4.88 -16.18 20.62
C GLU A 220 6.26 -16.76 20.93
N SER A 221 6.74 -17.64 20.06
CA SER A 221 8.08 -18.21 20.23
C SER A 221 9.16 -17.14 20.02
N VAL A 222 9.12 -16.45 18.88
CA VAL A 222 10.17 -15.48 18.56
C VAL A 222 10.14 -14.30 19.52
N GLY A 223 8.95 -13.87 19.93
CA GLY A 223 8.83 -12.72 20.81
C GLY A 223 8.90 -13.03 22.29
N SER A 224 8.88 -14.31 22.66
CA SER A 224 8.93 -14.74 24.06
C SER A 224 7.79 -14.12 24.87
N PHE A 225 6.58 -14.34 24.38
CA PHE A 225 5.40 -13.80 25.05
C PHE A 225 4.19 -14.65 24.66
N GLN A 226 3.03 -14.27 25.19
CA GLN A 226 1.77 -14.89 24.83
C GLN A 226 0.78 -13.79 24.49
N PHE A 227 0.07 -13.96 23.38
CA PHE A 227 -1.09 -13.12 23.12
C PHE A 227 -2.14 -13.37 24.20
N PRO A 228 -2.86 -12.33 24.64
CA PRO A 228 -3.96 -12.55 25.58
C PRO A 228 -5.07 -13.33 24.91
N SER A 229 -5.40 -14.50 25.47
CA SER A 229 -6.35 -15.40 24.82
C SER A 229 -7.73 -14.77 24.68
N SER A 230 -8.07 -13.84 25.57
CA SER A 230 -9.39 -13.21 25.56
C SER A 230 -9.59 -12.23 24.40
N SER A 231 -8.51 -11.81 23.73
CA SER A 231 -8.64 -10.76 22.72
C SER A 231 -9.32 -11.28 21.46
N ALA A 232 -8.93 -12.45 20.98
CA ALA A 232 -9.36 -12.92 19.67
C ALA A 232 -10.86 -13.21 19.65
N VAL A 233 -11.54 -12.68 18.65
CA VAL A 233 -12.94 -12.99 18.42
C VAL A 233 -13.03 -14.39 17.80
N VAL A 234 -13.83 -15.26 18.43
CA VAL A 234 -13.92 -16.65 18.00
C VAL A 234 -15.39 -17.06 18.04
N THR A 235 -15.93 -17.44 16.88
CA THR A 235 -17.31 -17.89 16.79
C THR A 235 -17.41 -19.16 15.95
N PRO B 11 -20.21 17.54 -11.82
CA PRO B 11 -19.29 18.29 -10.94
C PRO B 11 -17.82 17.94 -11.18
N LYS B 12 -16.98 18.96 -11.34
CA LYS B 12 -15.57 18.73 -11.55
C LYS B 12 -14.93 18.12 -10.31
N PRO B 13 -13.87 17.34 -10.47
CA PRO B 13 -13.22 16.72 -9.31
C PRO B 13 -12.63 17.77 -8.37
N ILE B 14 -12.62 17.43 -7.08
CA ILE B 14 -12.04 18.26 -6.03
C ILE B 14 -10.88 17.49 -5.42
N LEU B 15 -9.71 18.11 -5.38
CA LEU B 15 -8.50 17.48 -4.86
C LEU B 15 -8.05 18.22 -3.61
N TYR B 16 -8.17 17.56 -2.46
CA TYR B 16 -7.59 18.05 -1.21
C TYR B 16 -6.11 17.66 -1.17
N TYR B 17 -5.24 18.63 -0.92
CA TYR B 17 -3.84 18.41 -1.21
C TYR B 17 -2.95 19.23 -0.28
N ASP B 18 -1.72 18.73 -0.13
CA ASP B 18 -0.57 19.48 0.37
C ASP B 18 0.57 19.08 -0.54
N GLU B 19 1.09 20.02 -1.34
CA GLU B 19 1.98 19.60 -2.41
C GLU B 19 3.35 19.15 -1.91
N ARG B 20 3.64 19.30 -0.61
CA ARG B 20 4.84 18.69 -0.05
C ARG B 20 4.81 17.17 -0.15
N SER B 21 3.61 16.59 -0.20
N SER B 21 3.61 16.58 -0.18
CA SER B 21 3.45 15.14 -0.13
CA SER B 21 3.47 15.13 -0.12
C SER B 21 3.71 14.50 -1.49
C SER B 21 3.72 14.50 -1.48
N PRO B 22 4.60 13.50 -1.57
CA PRO B 22 4.86 12.84 -2.86
C PRO B 22 3.60 12.23 -3.48
N PRO B 23 2.74 11.53 -2.73
CA PRO B 23 1.52 11.01 -3.36
C PRO B 23 0.59 12.11 -3.87
N VAL B 24 0.62 13.29 -3.26
CA VAL B 24 -0.11 14.42 -3.82
C VAL B 24 0.50 14.83 -5.16
N ARG B 25 1.83 14.92 -5.22
CA ARG B 25 2.50 15.40 -6.41
C ARG B 25 2.29 14.47 -7.61
N SER B 26 2.17 13.16 -7.36
N SER B 26 2.16 13.16 -7.37
CA SER B 26 1.88 12.25 -8.46
CA SER B 26 1.88 12.25 -8.47
C SER B 26 0.53 12.58 -9.09
C SER B 26 0.52 12.56 -9.09
N CYS B 27 -0.47 12.89 -8.27
CA CYS B 27 -1.78 13.28 -8.78
C CYS B 27 -1.70 14.61 -9.52
N LEU B 28 -0.93 15.56 -8.99
CA LEU B 28 -0.75 16.83 -9.69
C LEU B 28 -0.11 16.63 -11.05
N MET B 29 0.85 15.71 -11.15
CA MET B 29 1.49 15.44 -12.43
C MET B 29 0.49 14.86 -13.43
N LEU B 30 -0.35 13.93 -12.99
CA LEU B 30 -1.35 13.35 -13.89
C LEU B 30 -2.35 14.40 -14.34
N ILE B 31 -2.74 15.29 -13.43
CA ILE B 31 -3.69 16.35 -13.77
C ILE B 31 -3.12 17.25 -14.84
N LYS B 32 -1.82 17.57 -14.75
CA LYS B 32 -1.19 18.38 -15.78
C LYS B 32 -1.02 17.61 -17.08
N LEU B 33 -0.69 16.31 -16.99
N LEU B 33 -0.65 16.32 -16.99
CA LEU B 33 -0.48 15.51 -18.19
CA LEU B 33 -0.50 15.48 -18.17
C LEU B 33 -1.77 15.34 -18.99
C LEU B 33 -1.78 15.44 -18.99
N LEU B 34 -2.92 15.28 -18.32
CA LEU B 34 -4.19 15.06 -18.99
C LEU B 34 -5.06 16.31 -19.06
N ASP B 35 -4.55 17.46 -18.63
CA ASP B 35 -5.29 18.73 -18.70
C ASP B 35 -6.63 18.64 -17.97
N ILE B 36 -6.64 18.01 -16.81
CA ILE B 36 -7.88 17.80 -16.08
C ILE B 36 -8.24 19.07 -15.32
N ASP B 37 -9.49 19.49 -15.44
CA ASP B 37 -10.00 20.64 -14.71
C ASP B 37 -10.43 20.16 -13.31
N VAL B 38 -9.65 20.52 -12.31
N VAL B 38 -9.66 20.56 -12.29
CA VAL B 38 -9.96 20.15 -10.93
CA VAL B 38 -9.86 20.12 -10.91
C VAL B 38 -10.03 21.43 -10.10
C VAL B 38 -9.83 21.32 -9.99
N GLU B 39 -10.67 21.30 -8.96
CA GLU B 39 -10.68 22.34 -7.93
C GLU B 39 -9.74 21.89 -6.81
N LEU B 40 -8.66 22.65 -6.61
CA LEU B 40 -7.68 22.36 -5.57
C LEU B 40 -8.12 22.98 -4.25
N ARG B 41 -8.00 22.20 -3.18
CA ARG B 41 -8.27 22.70 -1.82
C ARG B 41 -7.09 22.35 -0.93
N PHE B 42 -6.41 23.37 -0.44
CA PHE B 42 -5.18 23.17 0.33
C PHE B 42 -5.51 22.78 1.77
N VAL B 43 -4.92 21.66 2.20
CA VAL B 43 -4.99 21.18 3.57
C VAL B 43 -3.58 21.24 4.14
N ASN B 44 -3.33 22.19 5.04
CA ASN B 44 -1.98 22.43 5.55
C ASN B 44 -1.63 21.37 6.58
N LEU B 45 -0.83 20.38 6.19
CA LEU B 45 -0.44 19.32 7.11
C LEU B 45 0.43 19.83 8.24
N PHE B 46 1.21 20.88 7.99
CA PHE B 46 2.06 21.43 9.05
C PHE B 46 1.23 22.01 10.19
N LYS B 47 0.02 22.49 9.89
CA LYS B 47 -0.88 23.03 10.89
C LYS B 47 -1.88 21.99 11.40
N GLY B 48 -1.75 20.74 10.96
CA GLY B 48 -2.67 19.70 11.39
C GLY B 48 -4.07 19.85 10.86
N GLU B 49 -4.26 20.53 9.73
CA GLU B 49 -5.59 20.77 9.20
C GLU B 49 -6.27 19.51 8.68
N GLN B 50 -5.53 18.41 8.53
CA GLN B 50 -6.16 17.15 8.14
C GLN B 50 -7.01 16.59 9.28
N PHE B 51 -6.91 17.13 10.48
CA PHE B 51 -7.71 16.73 11.62
C PHE B 51 -8.91 17.63 11.84
N GLN B 52 -9.15 18.59 10.94
CA GLN B 52 -10.35 19.41 11.00
C GLN B 52 -11.59 18.52 10.90
N LYS B 53 -12.64 18.89 11.65
CA LYS B 53 -13.78 18.00 11.83
C LYS B 53 -14.39 17.56 10.51
N ASP B 54 -14.54 18.49 9.57
CA ASP B 54 -15.16 18.14 8.30
C ASP B 54 -14.26 17.25 7.44
N PHE B 55 -12.94 17.41 7.55
CA PHE B 55 -12.07 16.59 6.70
C PHE B 55 -11.96 15.17 7.22
N LEU B 56 -11.83 14.98 8.55
CA LEU B 56 -11.91 13.63 9.11
C LEU B 56 -13.23 12.95 8.76
N ALA B 57 -14.34 13.69 8.84
CA ALA B 57 -15.61 13.12 8.43
C ALA B 57 -15.54 12.62 7.00
N LEU B 58 -14.84 13.36 6.14
CA LEU B 58 -14.70 12.96 4.74
C LEU B 58 -13.70 11.83 4.59
N ASN B 59 -12.55 11.93 5.25
CA ASN B 59 -11.50 10.91 5.16
C ASN B 59 -10.99 10.59 6.57
N PRO B 60 -11.49 9.51 7.18
CA PRO B 60 -11.04 9.17 8.54
C PRO B 60 -9.56 8.81 8.62
N GLN B 61 -8.90 8.56 7.49
CA GLN B 61 -7.44 8.39 7.48
C GLN B 61 -6.69 9.71 7.57
N HIS B 62 -7.40 10.84 7.53
CA HIS B 62 -6.81 12.19 7.60
C HIS B 62 -5.54 12.30 6.77
N SER B 63 -5.67 11.97 5.48
CA SER B 63 -4.53 11.91 4.60
C SER B 63 -4.80 12.69 3.31
N VAL B 64 -3.73 13.19 2.71
CA VAL B 64 -3.78 13.78 1.38
C VAL B 64 -2.88 12.95 0.46
N PRO B 65 -3.23 12.77 -0.81
CA PRO B 65 -4.39 13.37 -1.49
C PRO B 65 -5.72 12.70 -1.17
N THR B 66 -6.78 13.49 -1.18
CA THR B 66 -8.15 13.00 -1.13
C THR B 66 -8.91 13.61 -2.30
N LEU B 67 -9.57 12.78 -3.09
CA LEU B 67 -10.33 13.24 -4.24
C LEU B 67 -11.81 13.06 -3.97
N VAL B 68 -12.59 14.12 -4.22
CA VAL B 68 -14.04 14.06 -4.20
C VAL B 68 -14.52 14.30 -5.62
N HIS B 69 -15.17 13.31 -6.21
CA HIS B 69 -15.67 13.40 -7.58
C HIS B 69 -17.12 12.95 -7.58
N GLY B 70 -18.03 13.91 -7.51
CA GLY B 70 -19.43 13.57 -7.31
C GLY B 70 -19.60 12.96 -5.93
N ASP B 71 -20.20 11.77 -5.90
CA ASP B 71 -20.38 11.03 -4.65
C ASP B 71 -19.18 10.15 -4.31
N LEU B 72 -18.20 10.05 -5.21
CA LEU B 72 -17.04 9.19 -5.01
C LEU B 72 -15.96 9.92 -4.22
N VAL B 73 -15.51 9.33 -3.12
CA VAL B 73 -14.46 9.88 -2.28
C VAL B 73 -13.31 8.89 -2.26
N LEU B 74 -12.17 9.29 -2.82
CA LEU B 74 -10.98 8.45 -2.88
C LEU B 74 -9.94 9.00 -1.93
N THR B 75 -9.30 8.11 -1.17
CA THR B 75 -8.40 8.51 -0.08
C THR B 75 -7.02 7.90 -0.25
N ASP B 76 -6.62 7.62 -1.49
CA ASP B 76 -5.30 7.06 -1.76
C ASP B 76 -4.87 7.46 -3.17
N SER B 77 -3.65 7.98 -3.28
CA SER B 77 -3.17 8.50 -4.57
C SER B 77 -3.25 7.46 -5.67
N HIS B 78 -3.03 6.18 -5.34
CA HIS B 78 -2.98 5.16 -6.39
C HIS B 78 -4.37 4.88 -6.95
N ALA B 79 -5.41 4.96 -6.11
CA ALA B 79 -6.77 4.87 -6.62
C ALA B 79 -7.14 6.13 -7.39
N ILE B 80 -6.65 7.29 -6.94
CA ILE B 80 -6.95 8.53 -7.64
C ILE B 80 -6.32 8.53 -9.03
N LEU B 81 -5.08 8.06 -9.15
CA LEU B 81 -4.43 7.98 -10.44
C LEU B 81 -5.20 7.07 -11.39
N ILE B 82 -5.63 5.90 -10.91
CA ILE B 82 -6.37 4.97 -11.75
C ILE B 82 -7.72 5.54 -12.13
N HIS B 83 -8.43 6.12 -11.14
CA HIS B 83 -9.73 6.73 -11.43
C HIS B 83 -9.63 7.82 -12.48
N LEU B 84 -8.67 8.72 -12.31
CA LEU B 84 -8.55 9.85 -13.24
C LEU B 84 -8.14 9.38 -14.63
N ALA B 85 -7.27 8.38 -14.71
CA ALA B 85 -6.91 7.83 -16.02
C ALA B 85 -8.10 7.18 -16.70
N GLU B 86 -8.91 6.44 -15.94
CA GLU B 86 -10.05 5.76 -16.53
C GLU B 86 -11.13 6.74 -16.97
N LYS B 87 -11.30 7.84 -16.24
CA LYS B 87 -12.33 8.82 -16.58
C LYS B 87 -11.88 9.80 -17.66
N PHE B 88 -10.61 10.16 -17.69
CA PHE B 88 -10.14 11.26 -18.53
C PHE B 88 -9.10 10.85 -19.57
N ASP B 89 -8.74 9.57 -19.65
CA ASP B 89 -7.71 9.13 -20.60
C ASP B 89 -8.05 7.75 -21.15
N GLU B 90 -9.33 7.51 -21.43
CA GLU B 90 -9.70 6.26 -22.09
C GLU B 90 -9.00 6.14 -23.43
N GLY B 91 -8.32 5.02 -23.63
CA GLY B 91 -7.53 4.80 -24.83
C GLY B 91 -6.08 5.25 -24.72
N GLY B 92 -5.65 5.74 -23.55
CA GLY B 92 -4.28 6.16 -23.37
C GLY B 92 -3.35 5.01 -23.00
N SER B 93 -2.07 5.33 -22.94
CA SER B 93 -1.06 4.35 -22.57
C SER B 93 -0.68 4.40 -21.09
N LEU B 94 -1.10 5.45 -20.37
CA LEU B 94 -0.75 5.57 -18.96
C LEU B 94 -1.35 4.44 -18.14
N TRP B 95 -2.55 4.01 -18.48
CA TRP B 95 -3.27 2.95 -17.78
C TRP B 95 -3.70 1.95 -18.84
N PRO B 96 -2.81 1.03 -19.22
CA PRO B 96 -3.03 0.21 -20.41
C PRO B 96 -4.32 -0.62 -20.34
N GLN B 97 -4.94 -0.79 -21.52
CA GLN B 97 -6.17 -1.57 -21.59
C GLN B 97 -5.90 -3.07 -21.54
N GLU B 98 -4.78 -3.52 -22.12
CA GLU B 98 -4.46 -4.94 -22.12
C GLU B 98 -4.20 -5.42 -20.70
N HIS B 99 -4.76 -6.59 -20.38
CA HIS B 99 -4.78 -7.05 -18.99
C HIS B 99 -3.38 -7.22 -18.41
N ALA B 100 -2.51 -7.94 -19.12
CA ALA B 100 -1.17 -8.20 -18.60
C ALA B 100 -0.42 -6.90 -18.34
N GLU B 101 -0.52 -5.95 -19.28
CA GLU B 101 0.15 -4.67 -19.12
C GLU B 101 -0.46 -3.88 -17.96
N ARG B 102 -1.79 -3.92 -17.82
CA ARG B 102 -2.43 -3.19 -16.72
C ARG B 102 -2.05 -3.78 -15.37
N MET B 103 -2.01 -5.11 -15.27
CA MET B 103 -1.56 -5.76 -14.04
C MET B 103 -0.14 -5.37 -13.68
N LYS B 104 0.73 -5.24 -14.68
CA LYS B 104 2.11 -4.83 -14.42
C LYS B 104 2.16 -3.43 -13.81
N VAL B 105 1.38 -2.49 -14.37
CA VAL B 105 1.33 -1.15 -13.81
C VAL B 105 0.77 -1.19 -12.39
N LEU B 106 -0.31 -1.94 -12.18
CA LEU B 106 -0.90 -2.08 -10.86
C LEU B 106 0.11 -2.64 -9.87
N ASN B 107 0.88 -3.64 -10.28
CA ASN B 107 1.88 -4.25 -9.41
C ASN B 107 2.92 -3.23 -8.96
N LEU B 108 3.32 -2.34 -9.87
N LEU B 108 3.32 -2.33 -9.86
CA LEU B 108 4.32 -1.32 -9.54
CA LEU B 108 4.32 -1.33 -9.50
C LEU B 108 3.72 -0.22 -8.67
C LEU B 108 3.73 -0.19 -8.68
N LEU B 109 2.47 0.14 -8.91
CA LEU B 109 1.79 1.11 -8.05
C LEU B 109 1.75 0.60 -6.62
N LEU B 110 1.53 -0.70 -6.43
CA LEU B 110 1.50 -1.27 -5.10
C LEU B 110 2.90 -1.38 -4.50
N PHE B 111 3.91 -1.62 -5.33
CA PHE B 111 5.29 -1.52 -4.86
C PHE B 111 5.56 -0.14 -4.27
N GLU B 112 5.01 0.90 -4.89
CA GLU B 112 5.19 2.25 -4.36
C GLU B 112 4.55 2.40 -2.99
N CYS B 113 3.32 1.89 -2.82
CA CYS B 113 2.67 1.94 -1.51
C CYS B 113 3.41 1.08 -0.50
N SER B 114 3.73 -0.16 -0.89
CA SER B 114 4.17 -1.18 0.06
C SER B 114 5.63 -1.04 0.46
N PHE B 115 6.47 -0.55 -0.44
CA PHE B 115 7.92 -0.62 -0.28
C PHE B 115 8.56 0.76 -0.35
N LEU B 116 8.48 1.44 -1.49
CA LEU B 116 9.21 2.69 -1.68
C LEU B 116 8.69 3.79 -0.75
N PHE B 117 7.41 4.10 -0.81
CA PHE B 117 6.91 5.19 0.03
C PHE B 117 6.92 4.80 1.50
N ARG B 118 6.64 3.53 1.82
CA ARG B 118 6.71 3.11 3.20
C ARG B 118 8.08 3.40 3.79
N ARG B 119 9.14 3.10 3.04
CA ARG B 119 10.48 3.30 3.56
C ARG B 119 10.87 4.77 3.57
N ASP B 120 10.43 5.54 2.57
CA ASP B 120 10.70 6.97 2.61
C ASP B 120 9.96 7.64 3.76
N SER B 121 8.69 7.27 3.96
N SER B 121 8.70 7.26 3.98
CA SER B 121 7.92 7.81 5.07
CA SER B 121 7.96 7.86 5.08
C SER B 121 8.53 7.41 6.41
C SER B 121 8.50 7.40 6.43
N ASP B 122 9.02 6.17 6.52
CA ASP B 122 9.70 5.73 7.72
C ASP B 122 10.85 6.67 8.06
N PHE B 123 11.67 6.98 7.05
CA PHE B 123 12.83 7.85 7.24
C PHE B 123 12.42 9.26 7.61
N MET B 124 11.47 9.84 6.88
N MET B 124 11.47 9.84 6.87
CA MET B 124 11.08 11.23 7.15
CA MET B 124 11.04 11.21 7.12
C MET B 124 10.32 11.35 8.47
C MET B 124 10.34 11.33 8.46
N SER B 125 9.55 10.33 8.84
CA SER B 125 8.88 10.36 10.14
C SER B 125 9.88 10.28 11.28
N ALA B 126 10.98 9.53 11.10
CA ALA B 126 12.04 9.51 12.10
C ALA B 126 12.64 10.90 12.29
N ILE B 127 12.83 11.63 11.19
CA ILE B 127 13.36 12.99 11.27
C ILE B 127 12.41 13.89 12.05
N VAL B 128 11.12 13.82 11.72
CA VAL B 128 10.14 14.69 12.36
C VAL B 128 10.03 14.38 13.85
N ARG B 129 10.01 13.10 14.21
CA ARG B 129 9.76 12.72 15.59
C ARG B 129 11.03 12.86 16.43
N GLN B 130 12.18 12.48 15.91
CA GLN B 130 13.41 12.39 16.69
C GLN B 130 14.35 13.55 16.47
N GLY B 131 14.23 14.27 15.36
CA GLY B 131 15.24 15.22 14.96
C GLY B 131 16.31 14.55 14.13
N PHE B 132 16.78 15.22 13.08
CA PHE B 132 17.72 14.60 12.15
C PHE B 132 18.98 14.12 12.86
N ALA B 133 19.44 14.89 13.85
CA ALA B 133 20.68 14.53 14.55
C ALA B 133 20.57 13.21 15.30
N ASN B 134 19.35 12.75 15.58
CA ASN B 134 19.13 11.53 16.35
C ASN B 134 18.64 10.37 15.50
N VAL B 135 18.56 10.53 14.19
CA VAL B 135 18.07 9.50 13.30
C VAL B 135 19.22 8.57 12.92
N ASP B 136 18.96 7.26 12.95
CA ASP B 136 19.92 6.30 12.41
C ASP B 136 19.91 6.40 10.89
N VAL B 137 20.71 7.34 10.35
CA VAL B 137 20.69 7.59 8.91
C VAL B 137 21.20 6.37 8.14
N ALA B 138 22.20 5.68 8.70
CA ALA B 138 22.76 4.51 8.02
C ALA B 138 21.71 3.42 7.84
N HIS B 139 20.86 3.23 8.85
CA HIS B 139 19.77 2.26 8.74
C HIS B 139 18.84 2.61 7.59
N HIS B 140 18.40 3.87 7.52
CA HIS B 140 17.48 4.26 6.46
C HIS B 140 18.17 4.33 5.11
N GLU B 141 19.47 4.63 5.08
CA GLU B 141 20.19 4.56 3.81
C GLU B 141 20.18 3.14 3.26
N ARG B 142 20.36 2.14 4.12
CA ARG B 142 20.29 0.76 3.68
C ARG B 142 18.91 0.42 3.15
N LYS B 143 17.86 0.81 3.89
CA LYS B 143 16.50 0.47 3.48
C LYS B 143 16.13 1.13 2.15
N LEU B 144 16.55 2.38 1.96
CA LEU B 144 16.18 3.09 0.75
C LEU B 144 17.08 2.73 -0.43
N THR B 145 18.35 2.42 -0.17
CA THR B 145 19.21 1.92 -1.24
C THR B 145 18.71 0.57 -1.75
N GLU B 146 18.12 -0.24 -0.87
CA GLU B 146 17.48 -1.48 -1.30
C GLU B 146 16.36 -1.20 -2.30
N ALA B 147 15.61 -0.12 -2.08
CA ALA B 147 14.58 0.25 -3.05
C ALA B 147 15.19 0.69 -4.37
N TYR B 148 16.29 1.45 -4.30
CA TYR B 148 17.02 1.82 -5.51
C TYR B 148 17.43 0.58 -6.29
N ILE B 149 17.98 -0.41 -5.60
CA ILE B 149 18.45 -1.65 -6.24
C ILE B 149 17.29 -2.34 -6.95
N ILE B 150 16.13 -2.40 -6.30
CA ILE B 150 14.97 -3.07 -6.89
C ILE B 150 14.51 -2.33 -8.15
N MET B 151 14.43 -1.01 -8.07
CA MET B 151 13.96 -0.23 -9.22
C MET B 151 14.96 -0.30 -10.37
N GLU B 152 16.25 -0.33 -10.05
CA GLU B 152 17.27 -0.53 -11.07
C GLU B 152 17.06 -1.85 -11.80
N ARG B 153 16.64 -2.90 -11.07
CA ARG B 153 16.33 -4.16 -11.72
C ARG B 153 15.06 -4.06 -12.57
N TYR B 154 14.05 -3.34 -12.07
CA TYR B 154 12.82 -3.14 -12.84
C TYR B 154 13.10 -2.51 -14.20
N LEU B 155 14.14 -1.68 -14.29
CA LEU B 155 14.46 -0.94 -15.50
C LEU B 155 15.39 -1.70 -16.43
N GLU B 156 15.67 -2.98 -16.14
CA GLU B 156 16.63 -3.73 -16.93
C GLU B 156 16.22 -3.83 -18.39
N ASN B 157 14.96 -4.15 -18.65
CA ASN B 157 14.50 -4.43 -20.00
C ASN B 157 13.66 -3.30 -20.59
N SER B 158 13.38 -2.23 -19.85
CA SER B 158 12.43 -1.23 -20.31
C SER B 158 12.92 0.17 -19.99
N ASP B 159 12.48 1.12 -20.81
CA ASP B 159 12.80 2.53 -20.58
C ASP B 159 12.06 3.11 -19.39
N PHE B 160 10.93 2.51 -19.01
CA PHE B 160 10.11 2.99 -17.91
C PHE B 160 9.82 1.84 -16.95
N MET B 161 9.22 2.18 -15.80
CA MET B 161 9.07 1.23 -14.71
C MET B 161 8.23 0.02 -15.10
N ALA B 162 7.17 0.23 -15.88
CA ALA B 162 6.22 -0.83 -16.20
C ALA B 162 6.31 -1.30 -17.65
N GLY B 163 7.26 -0.78 -18.42
CA GLY B 163 7.41 -1.19 -19.79
C GLY B 163 8.04 -0.12 -20.65
N PRO B 164 7.84 -0.21 -21.97
CA PRO B 164 8.48 0.74 -22.90
C PRO B 164 7.86 2.13 -22.90
N GLN B 165 6.72 2.33 -22.23
CA GLN B 165 6.03 3.60 -22.26
C GLN B 165 5.76 4.11 -20.85
N LEU B 166 5.59 5.42 -20.75
CA LEU B 166 5.21 6.07 -19.50
C LEU B 166 3.84 5.56 -19.04
N THR B 167 3.76 5.19 -17.76
CA THR B 167 2.50 4.74 -17.17
C THR B 167 2.29 5.44 -15.83
N LEU B 168 1.13 5.17 -15.23
CA LEU B 168 0.84 5.68 -13.89
C LEU B 168 1.90 5.28 -12.89
N ALA B 169 2.53 4.11 -13.08
CA ALA B 169 3.56 3.67 -12.15
C ALA B 169 4.72 4.67 -12.08
N ASP B 170 5.11 5.22 -13.23
CA ASP B 170 6.21 6.20 -13.24
C ASP B 170 5.83 7.46 -12.50
N LEU B 171 4.58 7.91 -12.62
CA LEU B 171 4.15 9.11 -11.94
C LEU B 171 4.18 8.93 -10.43
N SER B 172 3.69 7.78 -9.96
CA SER B 172 3.68 7.50 -8.53
C SER B 172 5.09 7.38 -7.98
N ILE B 173 5.98 6.69 -8.71
CA ILE B 173 7.31 6.39 -8.21
C ILE B 173 8.20 7.63 -8.26
N VAL B 174 8.07 8.45 -9.31
CA VAL B 174 9.04 9.52 -9.51
C VAL B 174 8.93 10.60 -8.42
N THR B 175 7.71 10.88 -7.94
CA THR B 175 7.59 11.89 -6.90
C THR B 175 8.25 11.42 -5.62
N THR B 176 8.05 10.15 -5.26
CA THR B 176 8.75 9.65 -4.09
C THR B 176 10.25 9.51 -4.33
N LEU B 177 10.65 9.15 -5.55
CA LEU B 177 12.06 9.08 -5.88
C LEU B 177 12.71 10.40 -5.44
N SER B 178 12.22 11.46 -6.06
CA SER B 178 12.85 12.76 -6.00
C SER B 178 12.92 13.25 -4.58
N THR B 179 12.00 12.76 -3.75
CA THR B 179 12.01 13.06 -2.34
C THR B 179 13.10 12.26 -1.63
N VAL B 180 13.25 10.96 -1.97
CA VAL B 180 14.36 10.18 -1.45
C VAL B 180 15.68 10.78 -1.94
N ASN B 181 15.71 11.22 -3.20
CA ASN B 181 16.91 11.75 -3.83
C ASN B 181 17.37 13.06 -3.19
N LEU B 182 16.51 13.72 -2.40
CA LEU B 182 16.95 14.88 -1.64
C LEU B 182 18.10 14.52 -0.70
N MET B 183 18.08 13.29 -0.18
CA MET B 183 19.06 12.80 0.77
C MET B 183 20.06 11.82 0.16
N PHE B 184 19.61 10.93 -0.72
CA PHE B 184 20.44 9.84 -1.24
C PHE B 184 20.59 9.93 -2.75
N PRO B 185 21.79 10.18 -3.27
CA PRO B 185 21.96 10.38 -4.71
C PRO B 185 21.88 9.07 -5.49
N LEU B 186 21.78 9.23 -6.81
CA LEU B 186 21.54 8.13 -7.74
C LEU B 186 22.75 7.81 -8.60
N SER B 187 23.95 8.24 -8.20
CA SER B 187 25.11 8.09 -9.06
C SER B 187 25.52 6.63 -9.27
N GLN B 188 25.11 5.73 -8.39
CA GLN B 188 25.47 4.32 -8.49
C GLN B 188 24.44 3.49 -9.25
N PHE B 189 23.40 4.12 -9.79
CA PHE B 189 22.29 3.41 -10.42
C PHE B 189 22.07 4.01 -11.80
N PRO B 190 22.76 3.49 -12.81
CA PRO B 190 22.73 4.14 -14.13
C PRO B 190 21.36 4.13 -14.79
N ARG B 191 20.64 3.01 -14.76
CA ARG B 191 19.29 2.98 -15.33
C ARG B 191 18.37 3.92 -14.58
N LEU B 192 18.44 3.90 -13.24
CA LEU B 192 17.57 4.73 -12.41
C LEU B 192 17.86 6.21 -12.63
N ARG B 193 19.15 6.57 -12.73
CA ARG B 193 19.50 7.97 -12.97
C ARG B 193 19.07 8.42 -14.36
N ARG B 194 19.28 7.57 -15.37
CA ARG B 194 18.78 7.84 -16.71
C ARG B 194 17.28 8.09 -16.69
N TRP B 195 16.55 7.18 -16.04
CA TRP B 195 15.09 7.27 -15.99
C TRP B 195 14.65 8.56 -15.31
N PHE B 196 15.29 8.89 -14.18
CA PHE B 196 14.91 10.10 -13.44
C PHE B 196 15.18 11.35 -14.27
N THR B 197 16.32 11.40 -14.94
CA THR B 197 16.62 12.52 -15.83
C THR B 197 15.57 12.64 -16.93
N ALA B 198 15.17 11.51 -17.52
CA ALA B 198 14.14 11.53 -18.56
C ALA B 198 12.81 11.99 -17.98
N MET B 199 12.43 11.49 -16.80
CA MET B 199 11.21 11.95 -16.16
C MET B 199 11.25 13.45 -15.89
N GLN B 200 12.40 13.96 -15.44
CA GLN B 200 12.54 15.38 -15.16
C GLN B 200 12.36 16.23 -16.41
N GLN B 201 12.38 15.64 -17.59
CA GLN B 201 12.37 16.47 -18.79
C GLN B 201 10.94 16.64 -19.29
N LEU B 202 10.01 15.87 -18.71
CA LEU B 202 8.60 15.91 -19.09
C LEU B 202 8.00 17.26 -18.71
N ASP B 203 7.12 17.77 -19.58
CA ASP B 203 6.42 19.01 -19.28
C ASP B 203 5.66 18.90 -17.96
N ALA B 204 5.04 17.74 -17.73
CA ALA B 204 4.24 17.55 -16.52
C ALA B 204 5.10 17.44 -15.26
N TYR B 205 6.39 17.17 -15.39
CA TYR B 205 7.23 17.11 -14.20
C TYR B 205 7.31 18.45 -13.48
N GLU B 206 7.00 19.54 -14.17
CA GLU B 206 6.97 20.84 -13.49
C GLU B 206 6.01 20.84 -12.32
N ALA B 207 4.97 20.01 -12.37
CA ALA B 207 4.03 19.90 -11.25
C ALA B 207 4.67 19.33 -10.00
N ASN B 208 5.84 18.69 -10.12
CA ASN B 208 6.55 18.14 -8.98
C ASN B 208 7.47 19.15 -8.31
N CYS B 209 7.83 20.23 -9.01
CA CYS B 209 8.93 21.08 -8.58
C CYS B 209 8.62 21.85 -7.31
N SER B 210 7.46 22.54 -7.29
CA SER B 210 7.16 23.43 -6.17
C SER B 210 7.06 22.66 -4.86
N GLY B 211 6.32 21.56 -4.85
CA GLY B 211 6.13 20.81 -3.62
C GLY B 211 7.38 20.13 -3.13
N LEU B 212 8.24 19.68 -4.06
CA LEU B 212 9.50 19.07 -3.64
C LEU B 212 10.36 20.08 -2.89
N GLU B 213 10.44 21.31 -3.41
CA GLU B 213 11.20 22.35 -2.73
C GLU B 213 10.54 22.74 -1.41
N LYS B 214 9.21 22.84 -1.38
CA LYS B 214 8.52 23.13 -0.13
C LYS B 214 8.73 22.03 0.89
N LEU B 215 8.81 20.78 0.44
CA LEU B 215 9.10 19.68 1.35
C LEU B 215 10.51 19.79 1.90
N ARG B 216 11.49 20.09 1.03
CA ARG B 216 12.86 20.29 1.48
C ARG B 216 12.92 21.36 2.56
N GLN B 217 12.29 22.51 2.30
CA GLN B 217 12.34 23.64 3.23
C GLN B 217 11.68 23.28 4.55
N THR B 218 10.52 22.62 4.50
CA THR B 218 9.80 22.29 5.72
C THR B 218 10.53 21.20 6.51
N MET B 219 11.06 20.19 5.83
CA MET B 219 11.76 19.12 6.54
C MET B 219 13.04 19.63 7.17
N GLU B 220 13.72 20.57 6.49
CA GLU B 220 14.96 21.10 7.03
C GLU B 220 14.71 21.93 8.29
N SER B 221 13.58 22.63 8.35
CA SER B 221 13.24 23.40 9.54
C SER B 221 12.75 22.50 10.68
N VAL B 222 11.84 21.58 10.38
CA VAL B 222 11.31 20.71 11.42
C VAL B 222 12.38 19.74 11.92
N GLY B 223 13.25 19.29 11.01
CA GLY B 223 14.34 18.40 11.38
C GLY B 223 15.59 19.10 11.86
N SER B 224 15.65 20.43 11.75
CA SER B 224 16.80 21.22 12.19
C SER B 224 18.09 20.73 11.55
N PHE B 225 18.08 20.64 10.23
CA PHE B 225 19.24 20.17 9.48
C PHE B 225 19.14 20.72 8.07
N GLN B 226 20.11 20.33 7.23
CA GLN B 226 20.08 20.64 5.81
C GLN B 226 20.37 19.37 5.02
N PHE B 227 19.61 19.15 3.95
CA PHE B 227 19.87 18.03 3.07
C PHE B 227 21.24 18.22 2.40
N PRO B 228 21.93 17.13 2.08
CA PRO B 228 23.22 17.28 1.37
C PRO B 228 23.07 17.87 -0.01
N SER B 229 21.90 17.70 -0.64
CA SER B 229 21.64 18.23 -1.97
C SER B 229 21.37 19.72 -1.90
#